data_6PBG
#
_entry.id   6PBG
#
_cell.length_a   34.633
_cell.length_b   85.452
_cell.length_c   47.913
_cell.angle_alpha   90.000
_cell.angle_beta   107.040
_cell.angle_gamma   90.000
#
_symmetry.space_group_name_H-M   'P 1 21 1'
#
loop_
_entity.id
_entity.type
_entity.pdbx_description
1 polymer 'Coatomer subunit alpha'
2 non-polymer 'L(+)-TARTARIC ACID'
3 non-polymer 'UNKNOWN ATOM OR ION'
4 water water
#
_entity_poly.entity_id   1
_entity_poly.type   'polypeptide(L)'
_entity_poly.pdbx_seq_one_letter_code
;GMLTKFETKSARVKGLSFHPKRPWILTSLHNGVIQLWDYRMCTLIDKFDEHDGPVRGIDFHKQQPLFVSGGDDYKIKVWN
YKLRRCLFTLLGHLDYIRTTFFHHEYPWILSASDDQTIRVWNWQSRTCVCVLTGHNHYVMCAQFHPTEDLVVSASLDQTV
RVWDISGLRKKNLSPGAVESDVRGITGVDLFGTTDAVVKHVLEGHDRGVNWAAFHPTMPLIVSGADDRQVKIWRMNESKA
WEVDTCRGHYNNVSCAVFHPRQELILSNSEDKSIRVWDMSKRTGVQTFRRDHDRFWVLAAHPNLNLFAAGHDGGMIVFKL
E
;
_entity_poly.pdbx_strand_id   A
#
# COMPACT_ATOMS: atom_id res chain seq x y z
N GLY A 1 -18.57 15.95 -6.49
CA GLY A 1 -17.41 15.47 -5.68
C GLY A 1 -16.72 14.28 -6.29
N MET A 2 -17.37 13.11 -6.33
CA MET A 2 -16.76 11.83 -6.79
C MET A 2 -17.36 11.46 -8.15
N LEU A 3 -16.52 11.29 -9.17
CA LEU A 3 -16.95 10.85 -10.52
C LEU A 3 -16.57 9.39 -10.70
N THR A 4 -17.52 8.49 -10.56
CA THR A 4 -17.33 7.03 -10.77
C THR A 4 -16.99 6.78 -12.23
N LYS A 5 -15.96 5.98 -12.47
CA LYS A 5 -15.54 5.61 -13.84
C LYS A 5 -15.89 4.14 -14.09
N PHE A 6 -15.60 3.27 -13.12
CA PHE A 6 -15.66 1.80 -13.30
C PHE A 6 -15.90 1.15 -11.94
N GLU A 7 -16.78 0.16 -11.90
CA GLU A 7 -17.06 -0.61 -10.66
C GLU A 7 -17.07 -2.10 -10.99
N THR A 8 -16.63 -2.90 -10.03
CA THR A 8 -16.71 -4.37 -10.06
C THR A 8 -17.55 -4.82 -8.88
N LYS A 9 -18.27 -5.93 -9.03
CA LYS A 9 -18.86 -6.74 -7.94
C LYS A 9 -18.01 -8.00 -7.82
N SER A 10 -17.50 -8.25 -6.63
CA SER A 10 -16.58 -9.36 -6.37
C SER A 10 -16.58 -9.68 -4.89
N ALA A 11 -15.83 -10.71 -4.54
CA ALA A 11 -15.39 -10.95 -3.17
C ALA A 11 -14.67 -9.70 -2.67
N ARG A 12 -14.69 -9.49 -1.36
CA ARG A 12 -14.04 -8.35 -0.68
C ARG A 12 -12.65 -8.08 -1.28
N VAL A 13 -12.40 -6.83 -1.68
CA VAL A 13 -11.10 -6.39 -2.25
C VAL A 13 -10.18 -5.98 -1.10
N LYS A 14 -8.97 -6.53 -1.08
CA LYS A 14 -7.95 -6.32 -0.02
C LYS A 14 -6.76 -5.52 -0.60
N GLY A 15 -6.41 -5.71 -1.87
CA GLY A 15 -5.30 -5.00 -2.53
C GLY A 15 -5.68 -4.44 -3.87
N LEU A 16 -5.00 -3.36 -4.28
CA LEU A 16 -5.23 -2.61 -5.55
C LEU A 16 -3.89 -2.22 -6.14
N SER A 17 -3.77 -2.21 -7.48
CA SER A 17 -2.59 -1.67 -8.19
C SER A 17 -2.94 -1.21 -9.60
N PHE A 18 -2.74 0.07 -9.88
CA PHE A 18 -2.87 0.66 -11.23
C PHE A 18 -1.60 0.39 -12.03
N HIS A 19 -1.75 -0.06 -13.28
CA HIS A 19 -0.69 -0.04 -14.30
C HIS A 19 -0.38 1.41 -14.65
N PRO A 20 0.90 1.81 -14.81
CA PRO A 20 1.24 3.20 -15.16
C PRO A 20 0.82 3.66 -16.56
N LYS A 21 0.68 2.73 -17.51
CA LYS A 21 0.46 3.03 -18.96
C LYS A 21 -0.81 2.35 -19.48
N ARG A 22 -0.95 1.05 -19.30
CA ARG A 22 -2.16 0.30 -19.73
C ARG A 22 -3.33 0.70 -18.84
N PRO A 23 -4.58 0.69 -19.37
CA PRO A 23 -5.77 1.04 -18.58
C PRO A 23 -6.22 -0.16 -17.74
N TRP A 24 -5.30 -0.63 -16.92
CA TRP A 24 -5.38 -1.88 -16.15
C TRP A 24 -5.35 -1.59 -14.66
N ILE A 25 -6.14 -2.33 -13.91
CA ILE A 25 -5.97 -2.36 -12.43
C ILE A 25 -6.03 -3.82 -11.96
N LEU A 26 -5.11 -4.21 -11.08
CA LEU A 26 -5.16 -5.48 -10.33
C LEU A 26 -6.03 -5.30 -9.10
N THR A 27 -6.88 -6.27 -8.81
CA THR A 27 -7.55 -6.41 -7.50
C THR A 27 -7.13 -7.75 -6.90
N SER A 28 -6.69 -7.77 -5.65
CA SER A 28 -6.38 -9.01 -4.93
C SER A 28 -7.48 -9.21 -3.87
N LEU A 29 -8.10 -10.39 -3.86
CA LEU A 29 -9.40 -10.60 -3.17
C LEU A 29 -9.25 -11.46 -1.92
N HIS A 30 -10.23 -11.35 -1.05
CA HIS A 30 -10.37 -12.14 0.20
C HIS A 30 -10.52 -13.64 -0.13
N ASN A 31 -10.97 -14.00 -1.33
CA ASN A 31 -11.20 -15.43 -1.72
C ASN A 31 -9.93 -16.03 -2.37
N GLY A 32 -8.80 -15.30 -2.36
CA GLY A 32 -7.50 -15.76 -2.91
C GLY A 32 -7.34 -15.51 -4.40
N VAL A 33 -8.32 -14.86 -5.05
CA VAL A 33 -8.27 -14.55 -6.51
C VAL A 33 -7.62 -13.17 -6.73
N ILE A 34 -6.78 -13.09 -7.75
CA ILE A 34 -6.23 -11.83 -8.31
C ILE A 34 -6.93 -11.60 -9.63
N GLN A 35 -7.62 -10.49 -9.76
CA GLN A 35 -8.32 -10.10 -11.00
C GLN A 35 -7.52 -9.02 -11.70
N LEU A 36 -7.41 -9.11 -13.03
CA LEU A 36 -6.82 -8.06 -13.88
C LEU A 36 -7.94 -7.46 -14.73
N TRP A 37 -8.27 -6.21 -14.45
CA TRP A 37 -9.37 -5.45 -15.09
C TRP A 37 -8.82 -4.43 -16.06
N ASP A 38 -9.48 -4.28 -17.21
CA ASP A 38 -9.31 -3.14 -18.13
C ASP A 38 -10.50 -2.19 -17.91
N TYR A 39 -10.25 -1.04 -17.28
CA TYR A 39 -11.32 -0.10 -16.83
C TYR A 39 -11.74 0.82 -17.98
N ARG A 40 -11.07 0.75 -19.13
CA ARG A 40 -11.45 1.53 -20.34
C ARG A 40 -12.35 0.65 -21.23
N MET A 41 -12.06 -0.64 -21.33
CA MET A 41 -12.85 -1.60 -22.14
C MET A 41 -13.88 -2.36 -21.29
N CYS A 42 -13.88 -2.07 -19.97
N CYS A 42 -13.91 -2.09 -19.97
CA CYS A 42 -14.85 -2.61 -18.96
CA CYS A 42 -14.93 -2.60 -19.01
C CYS A 42 -14.89 -4.14 -19.04
C CYS A 42 -14.92 -4.15 -19.01
N THR A 43 -13.73 -4.78 -18.93
CA THR A 43 -13.58 -6.26 -19.06
C THR A 43 -12.56 -6.81 -18.07
N LEU A 44 -12.78 -8.05 -17.66
CA LEU A 44 -11.83 -8.90 -16.92
C LEU A 44 -10.86 -9.52 -17.93
N ILE A 45 -9.63 -9.03 -17.99
CA ILE A 45 -8.56 -9.50 -18.91
C ILE A 45 -8.16 -10.91 -18.50
N ASP A 46 -7.97 -11.14 -17.20
CA ASP A 46 -7.46 -12.42 -16.68
C ASP A 46 -7.69 -12.51 -15.16
N LYS A 47 -7.57 -13.73 -14.67
CA LYS A 47 -7.84 -14.14 -13.28
C LYS A 47 -6.69 -15.07 -12.91
N PHE A 48 -6.05 -14.84 -11.78
CA PHE A 48 -4.91 -15.65 -11.28
C PHE A 48 -5.31 -16.21 -9.90
N ASP A 49 -5.43 -17.53 -9.82
CA ASP A 49 -5.99 -18.22 -8.63
C ASP A 49 -5.00 -19.31 -8.25
N GLU A 50 -3.94 -18.93 -7.51
CA GLU A 50 -2.82 -19.81 -7.08
C GLU A 50 -2.62 -19.75 -5.57
N HIS A 51 -3.18 -18.74 -4.89
CA HIS A 51 -3.03 -18.56 -3.42
C HIS A 51 -4.14 -19.34 -2.72
N ASP A 52 -3.94 -19.66 -1.45
CA ASP A 52 -4.95 -20.25 -0.56
C ASP A 52 -5.33 -19.22 0.49
N GLY A 53 -6.55 -18.71 0.45
CA GLY A 53 -7.03 -17.69 1.40
C GLY A 53 -6.78 -16.29 0.85
N PRO A 54 -7.10 -15.24 1.65
CA PRO A 54 -6.98 -13.86 1.20
C PRO A 54 -5.61 -13.50 0.63
N VAL A 55 -5.61 -12.62 -0.37
CA VAL A 55 -4.38 -12.01 -0.97
C VAL A 55 -4.48 -10.49 -0.75
N ARG A 56 -3.70 -9.97 0.20
CA ARG A 56 -3.74 -8.53 0.59
C ARG A 56 -2.65 -7.74 -0.17
N GLY A 57 -1.53 -8.39 -0.49
CA GLY A 57 -0.40 -7.76 -1.19
C GLY A 57 -0.56 -7.87 -2.70
N ILE A 58 -0.47 -6.74 -3.41
CA ILE A 58 -0.54 -6.71 -4.89
C ILE A 58 0.14 -5.42 -5.39
N ASP A 59 1.00 -5.54 -6.39
CA ASP A 59 1.74 -4.39 -6.97
C ASP A 59 2.22 -4.73 -8.38
N PHE A 60 1.82 -3.93 -9.37
CA PHE A 60 2.49 -3.87 -10.69
C PHE A 60 3.91 -3.32 -10.54
N HIS A 61 4.87 -3.94 -11.24
CA HIS A 61 6.17 -3.28 -11.50
C HIS A 61 5.85 -2.08 -12.40
N LYS A 62 6.58 -0.98 -12.22
CA LYS A 62 6.32 0.28 -12.98
C LYS A 62 6.94 0.19 -14.39
N GLN A 63 7.90 -0.72 -14.60
CA GLN A 63 8.65 -0.78 -15.89
C GLN A 63 8.73 -2.20 -16.48
N GLN A 64 8.70 -3.24 -15.65
CA GLN A 64 8.83 -4.67 -16.08
C GLN A 64 7.43 -5.26 -16.21
N PRO A 65 7.24 -6.32 -17.04
CA PRO A 65 5.91 -6.91 -17.27
C PRO A 65 5.50 -7.87 -16.16
N LEU A 66 5.62 -7.39 -14.91
CA LEU A 66 5.48 -8.23 -13.70
C LEU A 66 4.46 -7.61 -12.74
N PHE A 67 3.86 -8.45 -11.92
CA PHE A 67 3.22 -8.00 -10.67
C PHE A 67 3.61 -8.97 -9.57
N VAL A 68 3.53 -8.50 -8.34
CA VAL A 68 3.90 -9.32 -7.14
C VAL A 68 2.63 -9.39 -6.29
N SER A 69 2.41 -10.54 -5.65
CA SER A 69 1.29 -10.79 -4.71
C SER A 69 1.86 -11.35 -3.41
N GLY A 70 1.13 -11.13 -2.32
CA GLY A 70 1.44 -11.64 -0.97
C GLY A 70 0.16 -12.13 -0.33
N GLY A 71 0.19 -13.34 0.22
CA GLY A 71 -1.02 -14.04 0.67
C GLY A 71 -1.05 -14.32 2.16
N ASP A 72 -2.25 -14.62 2.66
CA ASP A 72 -2.47 -15.20 4.02
C ASP A 72 -1.84 -16.60 4.10
N ASP A 73 -1.50 -17.22 2.96
CA ASP A 73 -0.76 -18.52 2.89
C ASP A 73 0.74 -18.29 3.09
N TYR A 74 1.16 -17.05 3.40
CA TYR A 74 2.54 -16.67 3.72
C TYR A 74 3.44 -16.73 2.47
N LYS A 75 2.86 -16.82 1.26
CA LYS A 75 3.60 -16.90 -0.01
C LYS A 75 3.63 -15.53 -0.70
N ILE A 76 4.78 -15.16 -1.21
CA ILE A 76 4.95 -14.06 -2.21
C ILE A 76 5.10 -14.74 -3.56
N LYS A 77 4.31 -14.32 -4.54
CA LYS A 77 4.39 -14.84 -5.90
C LYS A 77 4.73 -13.70 -6.83
N VAL A 78 5.69 -13.95 -7.71
CA VAL A 78 6.10 -13.04 -8.79
C VAL A 78 5.47 -13.57 -10.08
N TRP A 79 4.73 -12.71 -10.75
CA TRP A 79 3.95 -13.06 -11.96
C TRP A 79 4.41 -12.24 -13.15
N ASN A 80 4.36 -12.85 -14.33
CA ASN A 80 4.58 -12.14 -15.62
C ASN A 80 3.21 -12.03 -16.27
N TYR A 81 2.70 -10.81 -16.48
CA TYR A 81 1.33 -10.60 -17.00
C TYR A 81 1.27 -10.82 -18.53
N LYS A 82 2.40 -10.84 -19.23
CA LYS A 82 2.39 -11.21 -20.68
C LYS A 82 2.34 -12.73 -20.80
N LEU A 83 3.16 -13.42 -20.02
CA LEU A 83 3.25 -14.91 -19.97
C LEU A 83 2.01 -15.47 -19.27
N ARG A 84 1.28 -14.62 -18.52
CA ARG A 84 0.03 -14.96 -17.79
C ARG A 84 0.32 -16.13 -16.82
N ARG A 85 1.40 -16.06 -16.06
CA ARG A 85 1.70 -17.11 -15.07
C ARG A 85 2.61 -16.62 -13.94
N CYS A 86 2.59 -17.37 -12.85
CA CYS A 86 3.48 -17.20 -11.69
C CYS A 86 4.86 -17.78 -12.07
N LEU A 87 5.87 -16.91 -12.12
CA LEU A 87 7.26 -17.29 -12.48
C LEU A 87 7.89 -18.06 -11.33
N PHE A 88 7.63 -17.65 -10.09
CA PHE A 88 8.21 -18.31 -8.89
C PHE A 88 7.57 -17.79 -7.61
N THR A 89 7.82 -18.52 -6.52
CA THR A 89 7.28 -18.23 -5.18
C THR A 89 8.45 -17.93 -4.25
N LEU A 90 8.30 -16.93 -3.38
CA LEU A 90 9.29 -16.59 -2.34
C LEU A 90 8.68 -16.95 -0.98
N LEU A 91 9.33 -17.84 -0.23
CA LEU A 91 8.86 -18.26 1.12
C LEU A 91 9.81 -17.69 2.18
N GLY A 92 9.31 -17.48 3.40
CA GLY A 92 10.10 -16.95 4.52
C GLY A 92 9.23 -16.37 5.61
N HIS A 93 8.15 -15.68 5.24
CA HIS A 93 7.21 -15.12 6.23
C HIS A 93 6.53 -16.27 6.98
N LEU A 94 6.20 -16.04 8.25
CA LEU A 94 5.65 -17.04 9.19
C LEU A 94 4.20 -16.71 9.55
N ASP A 95 3.60 -15.71 8.91
CA ASP A 95 2.22 -15.25 9.21
C ASP A 95 1.74 -14.42 8.02
N TYR A 96 0.48 -13.98 8.05
CA TYR A 96 -0.18 -13.31 6.91
C TYR A 96 0.72 -12.21 6.36
N ILE A 97 0.79 -12.09 5.03
CA ILE A 97 1.46 -10.96 4.37
C ILE A 97 0.43 -9.85 4.15
N ARG A 98 0.72 -8.66 4.69
CA ARG A 98 -0.20 -7.48 4.63
C ARG A 98 0.03 -6.69 3.33
N THR A 99 1.27 -6.51 2.90
CA THR A 99 1.58 -5.75 1.67
C THR A 99 2.77 -6.38 0.95
N THR A 100 2.79 -6.22 -0.36
CA THR A 100 3.96 -6.49 -1.22
C THR A 100 4.06 -5.37 -2.25
N PHE A 101 5.23 -4.75 -2.36
CA PHE A 101 5.49 -3.71 -3.41
C PHE A 101 6.83 -3.98 -4.08
N PHE A 102 6.89 -3.69 -5.37
CA PHE A 102 8.16 -3.61 -6.13
C PHE A 102 8.84 -2.26 -5.90
N HIS A 103 10.17 -2.28 -5.80
CA HIS A 103 10.99 -1.06 -5.96
C HIS A 103 10.81 -0.53 -7.40
N HIS A 104 10.84 0.78 -7.56
CA HIS A 104 10.65 1.48 -8.86
C HIS A 104 11.90 1.29 -9.75
N GLU A 105 13.07 1.03 -9.19
CA GLU A 105 14.31 0.90 -10.01
C GLU A 105 15.10 -0.38 -9.64
N TYR A 106 15.40 -0.58 -8.36
CA TYR A 106 16.21 -1.72 -7.86
C TYR A 106 15.42 -3.02 -8.05
N PRO A 107 16.10 -4.17 -8.26
CA PRO A 107 15.41 -5.45 -8.43
C PRO A 107 14.90 -6.02 -7.10
N TRP A 108 14.03 -5.24 -6.40
CA TRP A 108 13.62 -5.54 -5.02
C TRP A 108 12.11 -5.67 -4.90
N ILE A 109 11.70 -6.49 -3.94
CA ILE A 109 10.33 -6.56 -3.40
C ILE A 109 10.42 -6.22 -1.92
N LEU A 110 9.47 -5.45 -1.43
CA LEU A 110 9.29 -5.12 0.01
C LEU A 110 8.01 -5.77 0.50
N SER A 111 8.08 -6.55 1.56
CA SER A 111 6.89 -7.21 2.15
C SER A 111 6.76 -6.88 3.65
N ALA A 112 5.53 -6.81 4.13
CA ALA A 112 5.15 -6.56 5.55
C ALA A 112 4.24 -7.68 6.01
N SER A 113 4.49 -8.21 7.21
CA SER A 113 3.78 -9.42 7.70
C SER A 113 3.35 -9.31 9.18
N ASP A 114 2.29 -10.04 9.48
CA ASP A 114 1.79 -10.28 10.85
C ASP A 114 2.90 -10.97 11.68
N ASP A 115 3.93 -11.53 11.05
CA ASP A 115 5.05 -12.17 11.77
C ASP A 115 5.97 -11.11 12.38
N GLN A 116 5.65 -9.82 12.20
CA GLN A 116 6.30 -8.67 12.90
C GLN A 116 7.56 -8.26 12.12
N THR A 117 7.82 -8.87 10.96
CA THR A 117 8.99 -8.52 10.13
C THR A 117 8.57 -7.76 8.87
N ILE A 118 9.51 -6.97 8.36
CA ILE A 118 9.52 -6.40 6.99
C ILE A 118 10.64 -7.12 6.27
N ARG A 119 10.40 -7.63 5.07
CA ARG A 119 11.46 -8.34 4.32
CA ARG A 119 11.45 -8.36 4.30
C ARG A 119 11.71 -7.62 3.00
N VAL A 120 12.98 -7.55 2.61
CA VAL A 120 13.39 -7.11 1.26
C VAL A 120 13.89 -8.35 0.51
N TRP A 121 13.38 -8.54 -0.69
CA TRP A 121 13.73 -9.68 -1.57
C TRP A 121 14.35 -9.15 -2.84
N ASN A 122 15.38 -9.83 -3.33
CA ASN A 122 15.95 -9.55 -4.65
C ASN A 122 15.26 -10.52 -5.62
N TRP A 123 14.52 -10.00 -6.61
CA TRP A 123 13.71 -10.88 -7.51
C TRP A 123 14.55 -11.42 -8.67
N GLN A 124 15.81 -10.96 -8.81
CA GLN A 124 16.80 -11.52 -9.78
C GLN A 124 17.45 -12.75 -9.16
N SER A 125 17.91 -12.67 -7.91
CA SER A 125 18.47 -13.82 -7.16
C SER A 125 17.35 -14.72 -6.63
N ARG A 126 16.11 -14.20 -6.54
CA ARG A 126 14.93 -14.94 -6.02
C ARG A 126 15.19 -15.32 -4.55
N THR A 127 15.72 -14.39 -3.76
CA THR A 127 16.07 -14.63 -2.34
C THR A 127 15.66 -13.44 -1.47
N CYS A 128 15.40 -13.72 -0.20
CA CYS A 128 15.33 -12.69 0.85
C CYS A 128 16.74 -12.16 1.14
N VAL A 129 16.93 -10.84 1.07
CA VAL A 129 18.27 -10.20 1.23
C VAL A 129 18.32 -9.35 2.51
N CYS A 130 17.21 -9.21 3.22
CA CYS A 130 17.15 -8.44 4.47
C CYS A 130 15.85 -8.71 5.21
N VAL A 131 15.96 -8.88 6.52
CA VAL A 131 14.80 -8.97 7.45
C VAL A 131 14.91 -7.79 8.42
N LEU A 132 13.97 -6.85 8.34
CA LEU A 132 13.93 -5.63 9.19
C LEU A 132 13.11 -5.96 10.43
N THR A 133 13.76 -6.00 11.58
CA THR A 133 13.12 -6.35 12.87
C THR A 133 13.07 -5.09 13.75
N GLY A 134 12.10 -5.02 14.66
CA GLY A 134 11.94 -3.90 15.59
C GLY A 134 10.50 -3.64 15.97
N HIS A 135 9.55 -3.85 15.05
CA HIS A 135 8.10 -3.82 15.39
C HIS A 135 7.81 -4.98 16.36
N ASN A 136 6.86 -4.82 17.28
CA ASN A 136 6.55 -5.93 18.24
C ASN A 136 5.06 -6.30 18.16
N HIS A 137 4.45 -6.06 17.01
CA HIS A 137 3.07 -6.49 16.65
C HIS A 137 3.00 -6.58 15.11
N TYR A 138 1.86 -6.98 14.56
CA TYR A 138 1.63 -7.10 13.11
C TYR A 138 2.18 -5.86 12.39
N VAL A 139 2.93 -6.08 11.31
CA VAL A 139 3.31 -4.96 10.42
C VAL A 139 2.26 -4.92 9.33
N MET A 140 1.44 -3.86 9.37
CA MET A 140 0.23 -3.74 8.52
C MET A 140 0.59 -3.19 7.14
N CYS A 141 1.77 -2.58 6.99
CA CYS A 141 2.14 -1.89 5.74
C CYS A 141 3.62 -1.52 5.79
N ALA A 142 4.29 -1.67 4.66
CA ALA A 142 5.65 -1.16 4.45
C ALA A 142 5.77 -0.70 3.00
N GLN A 143 6.29 0.51 2.79
CA GLN A 143 6.44 1.12 1.46
C GLN A 143 7.85 1.68 1.28
N PHE A 144 8.36 1.56 0.08
CA PHE A 144 9.57 2.24 -0.40
C PHE A 144 9.28 3.73 -0.64
N HIS A 145 10.23 4.60 -0.26
CA HIS A 145 10.27 6.01 -0.71
C HIS A 145 10.52 6.03 -2.22
N PRO A 146 9.87 6.91 -3.01
CA PRO A 146 10.02 6.89 -4.46
C PRO A 146 11.41 7.34 -4.98
N THR A 147 12.21 8.06 -4.20
CA THR A 147 13.48 8.64 -4.72
C THR A 147 14.65 8.50 -3.73
N GLU A 148 14.41 8.09 -2.48
CA GLU A 148 15.47 7.93 -1.45
C GLU A 148 15.46 6.49 -0.95
N ASP A 149 16.55 6.05 -0.34
CA ASP A 149 16.73 4.68 0.16
C ASP A 149 16.11 4.61 1.55
N LEU A 150 14.79 4.83 1.63
CA LEU A 150 14.02 4.80 2.89
C LEU A 150 12.83 3.86 2.74
N VAL A 151 12.40 3.30 3.85
CA VAL A 151 11.14 2.51 3.98
C VAL A 151 10.32 3.14 5.09
N VAL A 152 9.00 3.15 4.95
CA VAL A 152 8.08 3.54 6.04
C VAL A 152 7.19 2.34 6.32
N SER A 153 6.94 2.07 7.59
CA SER A 153 6.10 0.92 8.01
C SER A 153 5.11 1.37 9.05
N ALA A 154 3.96 0.71 9.06
CA ALA A 154 2.87 0.93 10.03
C ALA A 154 2.61 -0.40 10.73
N SER A 155 2.44 -0.37 12.05
CA SER A 155 2.28 -1.58 12.86
C SER A 155 1.14 -1.43 13.89
N LEU A 156 0.52 -2.56 14.25
CA LEU A 156 -0.45 -2.58 15.38
C LEU A 156 0.24 -2.26 16.73
N ASP A 157 1.59 -2.19 16.78
CA ASP A 157 2.35 -1.75 17.97
C ASP A 157 2.18 -0.23 18.21
N GLN A 158 1.41 0.45 17.35
CA GLN A 158 0.97 1.87 17.51
C GLN A 158 2.03 2.82 16.93
N THR A 159 3.06 2.29 16.27
CA THR A 159 4.17 3.11 15.72
C THR A 159 4.14 3.09 14.19
N VAL A 160 4.66 4.18 13.63
CA VAL A 160 5.14 4.27 12.24
C VAL A 160 6.66 4.34 12.33
N ARG A 161 7.38 3.54 11.56
CA ARG A 161 8.87 3.53 11.55
CA ARG A 161 8.87 3.55 11.55
C ARG A 161 9.38 3.98 10.18
N VAL A 162 10.49 4.71 10.18
CA VAL A 162 11.20 5.12 8.95
C VAL A 162 12.56 4.43 9.03
N TRP A 163 12.89 3.67 8.01
CA TRP A 163 14.12 2.83 7.98
C TRP A 163 15.03 3.37 6.87
N ASP A 164 16.31 3.46 7.16
CA ASP A 164 17.38 3.77 6.17
C ASP A 164 17.94 2.46 5.65
N ILE A 165 17.73 2.13 4.38
CA ILE A 165 18.22 0.88 3.75
C ILE A 165 19.33 1.19 2.72
N SER A 166 20.02 2.32 2.89
CA SER A 166 21.12 2.72 1.98
C SER A 166 22.25 1.69 2.09
N GLY A 167 22.53 1.18 3.30
CA GLY A 167 23.52 0.10 3.52
C GLY A 167 23.19 -1.16 2.73
N LEU A 168 21.92 -1.59 2.76
CA LEU A 168 21.46 -2.78 2.01
C LEU A 168 21.61 -2.53 0.50
N ARG A 169 21.30 -1.33 0.04
CA ARG A 169 21.43 -0.96 -1.39
C ARG A 169 22.90 -1.14 -1.81
N LYS A 170 23.83 -0.57 -1.05
CA LYS A 170 25.28 -0.64 -1.36
C LYS A 170 25.75 -2.10 -1.35
N LYS A 171 25.35 -2.87 -0.36
CA LYS A 171 25.76 -4.31 -0.27
C LYS A 171 25.16 -5.11 -1.43
N ASN A 172 23.85 -5.03 -1.63
CA ASN A 172 23.10 -6.01 -2.45
C ASN A 172 23.27 -5.70 -3.94
N LEU A 173 23.44 -4.44 -4.33
CA LEU A 173 23.43 -4.04 -5.76
C LEU A 173 24.85 -3.93 -6.31
N SER A 174 25.85 -3.98 -5.44
CA SER A 174 27.29 -3.96 -5.84
C SER A 174 27.60 -5.20 -6.66
N PRO A 175 28.37 -5.07 -7.77
CA PRO A 175 28.92 -6.23 -8.46
C PRO A 175 30.10 -6.82 -7.67
N THR A 194 24.81 -1.14 9.80
CA THR A 194 23.90 -2.26 9.48
C THR A 194 23.23 -2.00 8.13
N ASP A 195 22.75 -3.06 7.47
CA ASP A 195 22.04 -2.98 6.15
C ASP A 195 20.83 -2.06 6.25
N ALA A 196 20.05 -2.19 7.33
CA ALA A 196 18.83 -1.38 7.58
C ALA A 196 18.88 -0.82 9.00
N VAL A 197 18.79 0.50 9.11
CA VAL A 197 18.81 1.26 10.40
C VAL A 197 17.45 1.91 10.57
N VAL A 198 16.85 1.81 11.74
CA VAL A 198 15.66 2.63 12.08
C VAL A 198 16.15 4.08 12.28
N LYS A 199 15.62 5.00 11.46
CA LYS A 199 15.96 6.45 11.48
C LYS A 199 14.97 7.16 12.41
N HIS A 200 13.69 6.80 12.39
CA HIS A 200 12.63 7.44 13.24
C HIS A 200 11.61 6.42 13.68
N VAL A 201 11.21 6.52 14.95
CA VAL A 201 10.02 5.85 15.52
C VAL A 201 8.97 6.95 15.77
N LEU A 202 7.91 6.97 14.96
CA LEU A 202 6.84 8.01 15.02
C LEU A 202 5.76 7.54 16.00
N GLU A 203 5.69 8.18 17.16
CA GLU A 203 4.72 7.90 18.24
C GLU A 203 3.66 9.01 18.20
N GLY A 204 2.39 8.64 18.37
CA GLY A 204 1.29 9.62 18.45
C GLY A 204 -0.06 8.94 18.30
N HIS A 205 -0.20 8.00 17.38
CA HIS A 205 -1.41 7.12 17.33
C HIS A 205 -1.49 6.38 18.67
N ASP A 206 -2.68 6.28 19.27
CA ASP A 206 -2.78 5.56 20.57
C ASP A 206 -3.50 4.23 20.36
N ARG A 207 -3.59 3.78 19.11
CA ARG A 207 -4.09 2.44 18.73
C ARG A 207 -3.27 1.93 17.55
N GLY A 208 -3.52 0.70 17.12
CA GLY A 208 -2.82 0.08 15.99
C GLY A 208 -2.88 0.91 14.74
N VAL A 209 -1.76 0.95 14.00
CA VAL A 209 -1.62 1.71 12.73
C VAL A 209 -1.76 0.75 11.54
N ASN A 210 -2.63 1.06 10.59
CA ASN A 210 -3.03 0.13 9.51
C ASN A 210 -2.27 0.43 8.21
N TRP A 211 -1.72 1.64 8.07
CA TRP A 211 -1.22 2.13 6.77
C TRP A 211 -0.30 3.32 7.00
N ALA A 212 0.75 3.40 6.22
CA ALA A 212 1.62 4.60 6.13
C ALA A 212 2.14 4.72 4.70
N ALA A 213 2.33 5.95 4.24
CA ALA A 213 2.82 6.21 2.87
C ALA A 213 3.63 7.50 2.86
N PHE A 214 4.59 7.56 1.95
CA PHE A 214 5.40 8.77 1.72
C PHE A 214 4.67 9.67 0.74
N HIS A 215 4.84 10.99 0.91
CA HIS A 215 4.54 12.01 -0.12
C HIS A 215 5.51 11.80 -1.27
N PRO A 216 5.07 11.95 -2.54
CA PRO A 216 5.98 11.78 -3.69
C PRO A 216 7.19 12.73 -3.75
N THR A 217 7.13 13.92 -3.14
CA THR A 217 8.14 15.02 -3.34
C THR A 217 8.59 15.66 -2.01
N MET A 218 7.69 15.83 -1.03
CA MET A 218 7.97 16.50 0.28
CA MET A 218 8.04 16.50 0.27
C MET A 218 8.39 15.46 1.32
N PRO A 219 9.13 15.83 2.39
CA PRO A 219 9.50 14.88 3.42
C PRO A 219 8.32 14.66 4.39
N LEU A 220 7.19 14.21 3.84
CA LEU A 220 5.94 13.98 4.59
C LEU A 220 5.57 12.49 4.57
N ILE A 221 4.95 12.04 5.64
CA ILE A 221 4.29 10.71 5.73
C ILE A 221 2.84 10.91 6.15
N VAL A 222 1.93 10.12 5.58
CA VAL A 222 0.50 10.01 6.00
C VAL A 222 0.30 8.60 6.58
N SER A 223 -0.45 8.50 7.67
CA SER A 223 -0.78 7.22 8.32
C SER A 223 -2.24 7.22 8.74
N GLY A 224 -2.85 6.03 8.85
CA GLY A 224 -4.22 5.83 9.30
C GLY A 224 -4.27 4.68 10.29
N ALA A 225 -5.07 4.82 11.35
CA ALA A 225 -5.00 3.93 12.53
C ALA A 225 -6.38 3.63 13.08
N ASP A 226 -6.41 2.70 14.03
CA ASP A 226 -7.64 2.29 14.75
C ASP A 226 -8.08 3.39 15.73
N ASP A 227 -7.34 4.48 15.87
CA ASP A 227 -7.79 5.67 16.65
C ASP A 227 -8.69 6.56 15.78
N ARG A 228 -8.94 6.14 14.54
CA ARG A 228 -9.87 6.77 13.57
C ARG A 228 -9.24 8.06 13.03
N GLN A 229 -7.91 8.21 13.18
CA GLN A 229 -7.14 9.43 12.81
CA GLN A 229 -7.23 9.44 12.75
C GLN A 229 -6.33 9.17 11.54
N VAL A 230 -6.26 10.18 10.67
CA VAL A 230 -5.27 10.30 9.59
C VAL A 230 -4.24 11.31 10.10
N LYS A 231 -3.00 10.89 10.26
CA LYS A 231 -1.92 11.75 10.80
C LYS A 231 -0.94 12.06 9.67
N ILE A 232 -0.44 13.30 9.64
CA ILE A 232 0.63 13.75 8.72
C ILE A 232 1.87 14.04 9.57
N TRP A 233 3.02 13.54 9.11
CA TRP A 233 4.32 13.63 9.81
C TRP A 233 5.32 14.31 8.89
N ARG A 234 6.26 15.07 9.46
CA ARG A 234 7.38 15.68 8.72
C ARG A 234 8.70 15.10 9.27
N MET A 235 9.66 14.85 8.40
CA MET A 235 11.05 14.48 8.84
C MET A 235 12.02 15.54 8.32
N ASN A 236 13.06 15.81 9.11
CA ASN A 236 14.21 16.64 8.68
C ASN A 236 15.45 15.75 8.86
N GLU A 237 16.64 16.33 8.79
CA GLU A 237 17.91 15.57 8.80
C GLU A 237 18.05 14.82 10.13
N SER A 238 17.41 15.32 11.21
CA SER A 238 17.66 14.91 12.61
C SER A 238 16.44 14.18 13.22
N LYS A 239 15.24 14.68 12.95
CA LYS A 239 14.03 14.31 13.72
C LYS A 239 12.84 14.14 12.76
N ALA A 240 11.78 13.54 13.25
CA ALA A 240 10.47 13.49 12.59
C ALA A 240 9.41 13.75 13.66
N TRP A 241 8.32 14.39 13.26
CA TRP A 241 7.28 14.87 14.18
C TRP A 241 5.94 14.96 13.46
N GLU A 242 4.87 14.86 14.23
CA GLU A 242 3.47 15.00 13.75
C GLU A 242 3.19 16.49 13.46
N VAL A 243 2.62 16.79 12.29
CA VAL A 243 2.29 18.18 11.86
C VAL A 243 0.78 18.35 11.67
N ASP A 244 -0.01 17.27 11.63
CA ASP A 244 -1.48 17.42 11.53
C ASP A 244 -2.18 16.11 11.85
N THR A 245 -3.43 16.21 12.28
CA THR A 245 -4.32 15.05 12.56
C THR A 245 -5.70 15.37 12.01
N CYS A 246 -6.20 14.56 11.07
CA CYS A 246 -7.51 14.73 10.41
C CYS A 246 -8.53 13.82 11.10
N ARG A 247 -9.52 14.44 11.74
CA ARG A 247 -10.63 13.76 12.46
C ARG A 247 -11.87 13.78 11.59
N GLY A 248 -12.66 12.70 11.61
CA GLY A 248 -13.95 12.61 10.93
C GLY A 248 -14.39 11.17 10.71
N HIS A 249 -13.46 10.26 10.39
CA HIS A 249 -13.77 8.82 10.32
C HIS A 249 -14.32 8.38 11.67
N TYR A 250 -15.32 7.52 11.70
CA TYR A 250 -15.87 7.03 12.98
C TYR A 250 -15.63 5.53 13.16
N ASN A 251 -14.73 4.94 12.37
CA ASN A 251 -14.20 3.59 12.63
C ASN A 251 -12.76 3.53 12.11
N ASN A 252 -12.13 2.36 12.21
CA ASN A 252 -10.69 2.18 11.87
C ASN A 252 -10.41 2.72 10.48
N VAL A 253 -9.33 3.48 10.33
CA VAL A 253 -8.82 3.94 9.00
C VAL A 253 -7.98 2.80 8.42
N SER A 254 -8.39 2.30 7.25
CA SER A 254 -7.81 1.13 6.54
C SER A 254 -6.60 1.57 5.73
N CYS A 255 -6.69 2.73 5.10
CA CYS A 255 -5.75 3.16 4.05
C CYS A 255 -5.80 4.68 3.88
N ALA A 256 -4.66 5.24 3.49
CA ALA A 256 -4.50 6.68 3.20
C ALA A 256 -3.39 6.86 2.17
N VAL A 257 -3.60 7.78 1.25
CA VAL A 257 -2.64 8.07 0.16
C VAL A 257 -2.61 9.59 -0.03
N PHE A 258 -1.44 10.12 -0.31
CA PHE A 258 -1.27 11.50 -0.80
C PHE A 258 -1.75 11.51 -2.24
N HIS A 259 -2.66 12.41 -2.58
CA HIS A 259 -2.95 12.76 -4.00
C HIS A 259 -1.60 13.05 -4.65
N PRO A 260 -1.18 12.31 -5.70
CA PRO A 260 0.19 12.45 -6.22
C PRO A 260 0.57 13.84 -6.77
N ARG A 261 -0.42 14.67 -7.13
CA ARG A 261 -0.24 15.90 -7.94
C ARG A 261 -1.11 17.06 -7.47
N GLN A 262 -1.86 16.92 -6.37
CA GLN A 262 -2.65 18.01 -5.73
C GLN A 262 -2.51 17.93 -4.21
N GLU A 263 -2.77 19.03 -3.52
CA GLU A 263 -2.58 19.19 -2.05
C GLU A 263 -3.76 18.53 -1.33
N LEU A 264 -3.97 17.23 -1.58
CA LEU A 264 -5.08 16.43 -1.02
C LEU A 264 -4.54 15.14 -0.41
N ILE A 265 -5.28 14.63 0.56
CA ILE A 265 -5.10 13.26 1.11
C ILE A 265 -6.42 12.55 0.93
N LEU A 266 -6.38 11.29 0.49
CA LEU A 266 -7.54 10.39 0.41
C LEU A 266 -7.37 9.31 1.46
N SER A 267 -8.42 9.03 2.24
CA SER A 267 -8.44 7.95 3.24
C SER A 267 -9.73 7.15 3.09
N ASN A 268 -9.76 5.92 3.54
CA ASN A 268 -11.02 5.14 3.63
C ASN A 268 -10.95 4.23 4.85
N SER A 269 -12.09 3.70 5.23
CA SER A 269 -12.34 3.25 6.61
C SER A 269 -13.36 2.12 6.65
N GLU A 270 -13.35 1.37 7.74
CA GLU A 270 -14.41 0.38 8.08
C GLU A 270 -15.73 1.11 8.38
N ASP A 271 -15.74 2.45 8.47
CA ASP A 271 -17.00 3.23 8.63
C ASP A 271 -17.73 3.38 7.29
N LYS A 272 -17.24 2.71 6.22
CA LYS A 272 -17.91 2.61 4.89
C LYS A 272 -17.80 3.94 4.11
N SER A 273 -16.78 4.74 4.38
CA SER A 273 -16.54 6.05 3.73
C SER A 273 -15.13 6.18 3.19
N ILE A 274 -15.03 6.88 2.06
CA ILE A 274 -13.84 7.56 1.53
C ILE A 274 -13.96 9.03 1.97
N ARG A 275 -12.88 9.59 2.49
CA ARG A 275 -12.76 11.01 2.87
C ARG A 275 -11.61 11.65 2.07
N VAL A 276 -11.84 12.87 1.60
CA VAL A 276 -10.84 13.67 0.84
C VAL A 276 -10.51 14.89 1.67
N TRP A 277 -9.26 14.98 2.14
CA TRP A 277 -8.77 16.04 3.05
C TRP A 277 -7.96 17.07 2.25
N ASP A 278 -8.22 18.36 2.50
CA ASP A 278 -7.47 19.50 1.87
C ASP A 278 -6.29 19.88 2.74
N MET A 279 -5.07 19.53 2.32
CA MET A 279 -3.81 19.80 3.07
C MET A 279 -3.62 21.32 3.22
N SER A 280 -4.12 22.11 2.27
CA SER A 280 -4.09 23.59 2.28
C SER A 280 -5.10 24.11 3.30
N LYS A 281 -6.15 23.33 3.59
CA LYS A 281 -7.21 23.61 4.60
C LYS A 281 -8.18 24.67 4.06
N ARG A 282 -8.10 24.98 2.76
CA ARG A 282 -9.02 25.97 2.11
C ARG A 282 -10.43 25.37 2.09
N THR A 283 -10.58 24.11 1.66
CA THR A 283 -11.87 23.37 1.56
C THR A 283 -12.03 22.44 2.78
N GLY A 284 -13.29 22.19 3.19
CA GLY A 284 -13.63 21.18 4.20
C GLY A 284 -13.51 19.76 3.64
N VAL A 285 -13.46 18.75 4.53
CA VAL A 285 -13.34 17.31 4.14
C VAL A 285 -14.59 16.90 3.36
N GLN A 286 -14.39 16.22 2.22
CA GLN A 286 -15.47 15.57 1.43
C GLN A 286 -15.58 14.10 1.86
N THR A 287 -16.81 13.61 2.04
CA THR A 287 -17.11 12.24 2.52
C THR A 287 -17.99 11.52 1.50
N PHE A 288 -17.56 10.34 1.04
CA PHE A 288 -18.28 9.49 0.05
C PHE A 288 -18.59 8.15 0.71
N ARG A 289 -19.88 7.82 0.86
CA ARG A 289 -20.35 6.68 1.69
C ARG A 289 -20.90 5.56 0.80
N ARG A 290 -20.75 4.33 1.26
CA ARG A 290 -21.47 3.16 0.70
C ARG A 290 -22.44 2.65 1.77
N ASP A 291 -23.56 2.09 1.34
CA ASP A 291 -24.66 1.66 2.24
C ASP A 291 -24.18 0.53 3.15
N HIS A 292 -23.47 -0.47 2.59
CA HIS A 292 -23.23 -1.79 3.25
C HIS A 292 -21.75 -2.23 3.19
N ASP A 293 -20.84 -1.46 2.59
CA ASP A 293 -19.46 -1.93 2.31
C ASP A 293 -18.44 -1.19 3.17
N ARG A 294 -17.69 -1.94 3.99
CA ARG A 294 -16.46 -1.44 4.61
C ARG A 294 -15.42 -1.30 3.51
N PHE A 295 -14.62 -0.24 3.57
CA PHE A 295 -13.44 -0.04 2.70
C PHE A 295 -12.20 -0.62 3.39
N TRP A 296 -11.31 -1.19 2.58
CA TRP A 296 -10.08 -1.89 3.06
C TRP A 296 -8.81 -1.31 2.43
N VAL A 297 -8.89 -0.68 1.26
CA VAL A 297 -7.69 -0.29 0.48
C VAL A 297 -8.04 0.85 -0.49
N LEU A 298 -7.04 1.65 -0.80
CA LEU A 298 -7.12 2.86 -1.62
C LEU A 298 -5.87 2.85 -2.49
N ALA A 299 -5.99 3.14 -3.79
CA ALA A 299 -4.82 3.30 -4.69
C ALA A 299 -4.95 4.61 -5.47
N ALA A 300 -3.80 5.24 -5.74
CA ALA A 300 -3.70 6.42 -6.61
C ALA A 300 -2.95 5.99 -7.86
N HIS A 301 -3.45 6.35 -9.04
CA HIS A 301 -2.75 6.11 -10.33
C HIS A 301 -1.43 6.88 -10.28
N PRO A 302 -0.29 6.29 -10.71
CA PRO A 302 1.01 6.96 -10.62
C PRO A 302 1.20 8.20 -11.50
N ASN A 303 0.31 8.47 -12.47
CA ASN A 303 0.47 9.67 -13.32
C ASN A 303 -0.87 10.30 -13.75
N LEU A 304 -2.02 9.66 -13.51
CA LEU A 304 -3.37 10.25 -13.82
C LEU A 304 -4.05 10.65 -12.51
N ASN A 305 -4.97 11.62 -12.58
CA ASN A 305 -5.82 12.04 -11.44
C ASN A 305 -6.96 11.00 -11.32
N LEU A 306 -6.58 9.78 -10.98
CA LEU A 306 -7.46 8.59 -11.00
C LEU A 306 -7.14 7.77 -9.75
N PHE A 307 -8.19 7.24 -9.12
CA PHE A 307 -8.13 6.60 -7.80
C PHE A 307 -8.97 5.34 -7.83
N ALA A 308 -8.68 4.41 -6.95
CA ALA A 308 -9.49 3.19 -6.79
C ALA A 308 -9.62 2.88 -5.31
N ALA A 309 -10.78 2.35 -4.90
CA ALA A 309 -11.02 1.90 -3.52
C ALA A 309 -11.56 0.46 -3.55
N GLY A 310 -11.06 -0.38 -2.63
CA GLY A 310 -11.47 -1.77 -2.45
C GLY A 310 -12.34 -1.90 -1.22
N HIS A 311 -13.46 -2.59 -1.34
CA HIS A 311 -14.48 -2.70 -0.27
C HIS A 311 -15.08 -4.10 -0.26
N ASP A 312 -16.00 -4.33 0.67
CA ASP A 312 -16.62 -5.66 0.90
C ASP A 312 -17.25 -6.24 -0.37
N GLY A 313 -17.74 -5.40 -1.28
CA GLY A 313 -18.54 -5.86 -2.43
C GLY A 313 -17.82 -5.74 -3.76
N GLY A 314 -16.55 -5.31 -3.80
CA GLY A 314 -15.80 -5.10 -5.04
C GLY A 314 -14.97 -3.84 -5.03
N MET A 315 -14.73 -3.26 -6.21
CA MET A 315 -13.83 -2.12 -6.40
C MET A 315 -14.59 -0.97 -7.07
N ILE A 316 -14.20 0.26 -6.76
CA ILE A 316 -14.63 1.47 -7.49
C ILE A 316 -13.37 2.22 -7.98
N VAL A 317 -13.36 2.58 -9.26
CA VAL A 317 -12.34 3.47 -9.88
C VAL A 317 -13.04 4.80 -10.10
N PHE A 318 -12.44 5.91 -9.65
CA PHE A 318 -13.12 7.23 -9.62
C PHE A 318 -12.12 8.35 -9.82
N LYS A 319 -12.68 9.52 -10.16
CA LYS A 319 -11.99 10.83 -10.23
C LYS A 319 -12.68 11.77 -9.24
N LEU A 320 -12.01 12.86 -8.86
CA LEU A 320 -12.60 13.96 -8.05
C LEU A 320 -12.98 15.11 -8.98
N GLU A 321 -14.12 15.76 -8.72
CA GLU A 321 -14.58 16.99 -9.44
C GLU A 321 -14.88 18.09 -8.42
#